data_8YYA
#
_entry.id   8YYA
#
_cell.length_a   61.781
_cell.length_b   86.546
_cell.length_c   88.637
_cell.angle_alpha   90.00
_cell.angle_beta   90.00
_cell.angle_gamma   90.00
#
_symmetry.space_group_name_H-M   'I 2 2 2'
#
loop_
_entity.id
_entity.type
_entity.pdbx_description
1 polymer Concanavalin-Br
2 non-polymer 5-FLUOROURACIL
3 non-polymer 'CALCIUM ION'
4 non-polymer 'MANGANESE (II) ION'
5 non-polymer 'SULFATE ION'
6 water water
#
_entity_poly.entity_id   1
_entity_poly.type   'polypeptide(L)'
_entity_poly.pdbx_seq_one_letter_code
;ADTIVAVELDTYPNTDIGDPSYPHIGIDIKSVRSKKTAKWNMQNGKVGTAHIIYNSVDKRLSAVVSYPNADSATVSYDVD
LDNVLPEWVRVGLSASTGLYKETNTILSWSFTSKLKSNSTHETNALHFMFNQFSKDQKDLILQGDATTGTDGNLELTRVS
SNGSPQGSSVGRALFYAPVHIWESSAVVASFEATFTFLIKSPDSHPADGIAFFISNIDSSIPSGSTGRLLGLFPDAN
;
_entity_poly.pdbx_strand_id   A
#
loop_
_chem_comp.id
_chem_comp.type
_chem_comp.name
_chem_comp.formula
CA non-polymer 'CALCIUM ION' 'Ca 2'
MN non-polymer 'MANGANESE (II) ION' 'Mn 2'
SO4 non-polymer 'SULFATE ION' 'O4 S -2'
URF non-polymer 5-FLUOROURACIL 'C4 H3 F N2 O2'
#
# COMPACT_ATOMS: atom_id res chain seq x y z
N ALA A 1 -8.29 15.79 -7.64
CA ALA A 1 -7.65 16.47 -6.48
C ALA A 1 -6.50 15.60 -5.96
N ASP A 2 -6.85 14.43 -5.38
CA ASP A 2 -5.90 13.68 -4.56
C ASP A 2 -4.77 13.19 -5.45
N THR A 3 -3.62 12.94 -4.80
CA THR A 3 -2.37 12.61 -5.45
C THR A 3 -1.75 11.37 -4.85
N ILE A 4 -1.47 10.37 -5.67
CA ILE A 4 -1.20 9.03 -5.17
C ILE A 4 0.08 8.50 -5.80
N VAL A 5 0.93 7.94 -4.96
CA VAL A 5 1.96 7.02 -5.39
C VAL A 5 1.74 5.75 -4.62
N ALA A 6 1.83 4.60 -5.28
CA ALA A 6 1.52 3.38 -4.57
C ALA A 6 2.22 2.19 -5.22
N VAL A 7 2.32 1.10 -4.46
CA VAL A 7 2.86 -0.14 -4.96
C VAL A 7 1.76 -1.18 -4.81
N GLU A 8 1.21 -1.65 -5.94
CA GLU A 8 -0.01 -2.44 -5.93
C GLU A 8 0.36 -3.92 -5.91
N LEU A 9 -0.42 -4.64 -5.10
CA LEU A 9 -0.55 -6.08 -5.10
C LEU A 9 -1.95 -6.38 -5.64
N ASP A 10 -2.02 -6.44 -6.99
CA ASP A 10 -3.25 -6.59 -7.75
C ASP A 10 -3.52 -8.07 -7.95
N THR A 11 -4.50 -8.58 -7.19
CA THR A 11 -4.84 -10.00 -7.17
C THR A 11 -5.79 -10.38 -8.31
N TYR A 12 -6.26 -9.38 -9.06
CA TYR A 12 -7.18 -9.65 -10.14
C TYR A 12 -6.82 -8.81 -11.38
N PRO A 13 -6.63 -9.46 -12.54
CA PRO A 13 -6.26 -8.78 -13.79
C PRO A 13 -7.48 -8.21 -14.52
N ASN A 14 -7.53 -6.87 -14.55
CA ASN A 14 -8.48 -6.13 -15.38
C ASN A 14 -7.75 -5.73 -16.65
N THR A 15 -7.59 -6.68 -17.59
CA THR A 15 -6.64 -6.51 -18.67
C THR A 15 -7.08 -5.40 -19.61
N ASP A 16 -8.35 -4.99 -19.52
CA ASP A 16 -8.86 -3.89 -20.31
C ASP A 16 -8.34 -2.54 -19.80
N ILE A 17 -7.72 -2.50 -18.60
CA ILE A 17 -7.07 -1.28 -18.13
C ILE A 17 -5.58 -1.53 -17.81
N GLY A 18 -4.98 -2.47 -18.57
CA GLY A 18 -3.54 -2.63 -18.70
C GLY A 18 -2.94 -3.60 -17.70
N ASP A 19 -3.77 -4.06 -16.76
CA ASP A 19 -3.38 -5.15 -15.88
C ASP A 19 -2.91 -6.25 -16.82
N PRO A 20 -1.78 -6.92 -16.47
CA PRO A 20 -1.35 -8.13 -17.16
C PRO A 20 -2.40 -9.24 -17.00
N SER A 21 -2.14 -10.43 -17.54
CA SER A 21 -3.17 -11.46 -17.60
C SER A 21 -3.17 -12.35 -16.36
N TYR A 22 -2.81 -11.79 -15.20
CA TYR A 22 -2.60 -12.60 -13.99
C TYR A 22 -2.38 -11.69 -12.79
N PRO A 23 -2.22 -12.25 -11.57
CA PRO A 23 -1.78 -11.47 -10.40
C PRO A 23 -0.34 -10.98 -10.51
N HIS A 24 -0.16 -9.70 -10.12
CA HIS A 24 1.03 -8.93 -10.44
C HIS A 24 1.26 -7.90 -9.34
N ILE A 25 2.54 -7.48 -9.19
CA ILE A 25 2.89 -6.29 -8.44
C ILE A 25 3.13 -5.15 -9.41
N GLY A 26 3.02 -3.93 -8.89
CA GLY A 26 3.12 -2.78 -9.77
C GLY A 26 3.24 -1.49 -8.99
N ILE A 27 3.63 -0.43 -9.70
CA ILE A 27 4.01 0.82 -9.12
C ILE A 27 3.21 1.93 -9.81
N ASP A 28 2.33 2.56 -9.04
CA ASP A 28 1.33 3.48 -9.60
C ASP A 28 1.68 4.91 -9.23
N ILE A 29 2.15 5.67 -10.22
CA ILE A 29 2.23 7.11 -10.12
C ILE A 29 0.91 7.67 -10.64
N LYS A 30 0.15 8.30 -9.75
CA LYS A 30 -1.02 9.05 -10.12
C LYS A 30 -1.94 8.29 -11.08
N SER A 31 -1.79 6.96 -11.19
CA SER A 31 -2.63 6.21 -12.09
C SER A 31 -2.50 4.71 -11.86
N VAL A 32 -3.68 4.09 -11.73
CA VAL A 32 -3.86 2.67 -11.41
C VAL A 32 -3.33 1.83 -12.58
N ARG A 33 -3.15 2.51 -13.70
CA ARG A 33 -2.47 1.94 -14.86
C ARG A 33 -1.00 1.97 -14.43
N SER A 34 -0.48 0.87 -13.92
CA SER A 34 0.82 0.77 -13.31
C SER A 34 1.82 1.08 -14.41
N LYS A 35 2.77 1.99 -14.13
CA LYS A 35 3.82 2.40 -15.06
C LYS A 35 4.78 1.24 -15.26
N LYS A 36 4.88 0.41 -14.24
CA LYS A 36 5.60 -0.84 -14.31
C LYS A 36 4.82 -1.88 -13.51
N THR A 37 4.94 -3.15 -13.92
CA THR A 37 4.43 -4.30 -13.19
C THR A 37 5.39 -5.48 -13.35
N ALA A 38 5.05 -6.59 -12.69
CA ALA A 38 5.72 -7.87 -12.87
C ALA A 38 4.82 -8.94 -12.26
N LYS A 39 5.02 -10.20 -12.65
CA LYS A 39 4.16 -11.30 -12.26
C LYS A 39 4.25 -11.59 -10.77
N TRP A 40 3.10 -11.90 -10.19
CA TRP A 40 3.00 -12.25 -8.77
C TRP A 40 2.29 -13.60 -8.63
N ASN A 41 2.91 -14.55 -7.92
CA ASN A 41 2.28 -15.83 -7.68
C ASN A 41 1.64 -15.77 -6.30
N MET A 42 0.48 -15.12 -6.21
CA MET A 42 -0.25 -14.96 -4.96
C MET A 42 -0.56 -16.34 -4.40
N GLN A 43 -0.64 -16.44 -3.08
CA GLN A 43 -1.00 -17.69 -2.43
C GLN A 43 -2.17 -17.47 -1.49
N ASN A 44 -3.34 -17.91 -1.96
CA ASN A 44 -4.57 -17.89 -1.20
C ASN A 44 -4.32 -18.51 0.16
N GLY A 45 -4.40 -17.67 1.19
CA GLY A 45 -4.42 -18.15 2.57
C GLY A 45 -3.05 -18.15 3.28
N LYS A 46 -1.96 -17.84 2.56
CA LYS A 46 -0.66 -17.80 3.22
C LYS A 46 -0.32 -16.35 3.59
N VAL A 47 0.65 -16.23 4.51
CA VAL A 47 1.04 -14.94 5.02
C VAL A 47 2.20 -14.47 4.16
N GLY A 48 1.93 -13.41 3.38
CA GLY A 48 2.92 -12.82 2.49
C GLY A 48 3.51 -11.54 3.08
N THR A 49 4.66 -11.12 2.55
CA THR A 49 5.44 -10.01 3.09
C THR A 49 5.89 -9.10 1.94
N ALA A 50 5.88 -7.77 2.18
CA ALA A 50 6.07 -6.76 1.15
C ALA A 50 7.08 -5.69 1.60
N HIS A 51 8.12 -5.45 0.79
CA HIS A 51 9.21 -4.53 1.10
C HIS A 51 9.29 -3.41 0.04
N ILE A 52 9.07 -2.15 0.46
CA ILE A 52 9.05 -0.98 -0.42
C ILE A 52 10.29 -0.16 -0.10
N ILE A 53 10.97 0.41 -1.12
CA ILE A 53 12.15 1.25 -0.91
C ILE A 53 12.24 2.37 -1.95
N TYR A 54 12.84 3.49 -1.54
CA TYR A 54 13.19 4.62 -2.41
C TYR A 54 14.35 5.38 -1.76
N ASN A 55 15.15 6.09 -2.58
CA ASN A 55 16.03 7.12 -2.07
C ASN A 55 16.19 8.20 -3.13
N SER A 56 16.38 9.44 -2.68
CA SER A 56 16.38 10.59 -3.57
C SER A 56 17.70 10.74 -4.32
N VAL A 57 18.64 9.83 -4.10
CA VAL A 57 19.84 9.78 -4.92
C VAL A 57 19.56 8.99 -6.19
N ASP A 58 19.01 7.79 -5.98
CA ASP A 58 18.70 6.84 -7.05
C ASP A 58 17.33 7.15 -7.65
N LYS A 59 16.49 7.91 -6.94
CA LYS A 59 15.16 8.27 -7.40
C LYS A 59 14.50 7.08 -8.08
N ARG A 60 14.44 5.95 -7.37
CA ARG A 60 13.91 4.70 -7.90
C ARG A 60 13.08 4.04 -6.80
N LEU A 61 11.89 3.56 -7.18
CA LEU A 61 10.93 3.00 -6.24
C LEU A 61 10.85 1.51 -6.54
N SER A 62 11.25 0.66 -5.59
CA SER A 62 11.42 -0.76 -5.86
C SER A 62 10.69 -1.56 -4.78
N ALA A 63 10.04 -2.67 -5.15
CA ALA A 63 9.33 -3.49 -4.18
C ALA A 63 9.56 -4.97 -4.44
N VAL A 64 9.43 -5.77 -3.39
CA VAL A 64 9.72 -7.19 -3.41
C VAL A 64 8.64 -7.87 -2.56
N VAL A 65 8.00 -8.93 -3.07
CA VAL A 65 6.94 -9.57 -2.30
C VAL A 65 7.28 -11.05 -2.24
N SER A 66 7.06 -11.64 -1.07
CA SER A 66 7.74 -12.87 -0.69
C SER A 66 6.90 -13.66 0.28
N TYR A 67 6.49 -14.86 -0.15
CA TYR A 67 5.92 -15.87 0.72
C TYR A 67 7.04 -16.79 1.17
N PRO A 68 6.95 -17.48 2.33
CA PRO A 68 7.98 -18.45 2.69
C PRO A 68 7.94 -19.62 1.72
N ASN A 69 9.09 -20.31 1.59
CA ASN A 69 9.24 -21.51 0.76
C ASN A 69 9.21 -21.18 -0.72
N ALA A 70 9.29 -19.88 -1.03
CA ALA A 70 8.87 -19.38 -2.34
C ALA A 70 9.82 -18.30 -2.86
N ASP A 71 9.84 -18.19 -4.19
CA ASP A 71 10.54 -17.11 -4.84
C ASP A 71 9.75 -15.83 -4.62
N SER A 72 10.49 -14.73 -4.62
CA SER A 72 9.96 -13.39 -4.49
C SER A 72 9.61 -12.87 -5.88
N ALA A 73 8.85 -11.80 -5.94
CA ALA A 73 8.63 -11.05 -7.17
C ALA A 73 9.15 -9.66 -6.91
N THR A 74 9.77 -9.03 -7.91
CA THR A 74 10.26 -7.68 -7.71
C THR A 74 9.85 -6.83 -8.90
N VAL A 75 9.66 -5.54 -8.63
CA VAL A 75 9.35 -4.56 -9.66
C VAL A 75 10.06 -3.29 -9.21
N SER A 76 10.51 -2.44 -10.14
CA SER A 76 11.10 -1.14 -9.83
C SER A 76 10.68 -0.14 -10.90
N TYR A 77 10.79 1.14 -10.59
CA TYR A 77 10.52 2.15 -11.58
C TYR A 77 11.23 3.44 -11.17
N ASP A 78 11.99 4.02 -12.10
CA ASP A 78 12.74 5.24 -11.83
C ASP A 78 11.77 6.42 -11.85
N VAL A 79 11.71 7.09 -10.71
CA VAL A 79 10.91 8.29 -10.53
C VAL A 79 11.50 9.16 -9.41
N ASP A 80 11.57 10.47 -9.71
CA ASP A 80 11.83 11.47 -8.69
C ASP A 80 10.51 11.81 -8.02
N LEU A 81 10.35 11.31 -6.79
CA LEU A 81 9.12 11.47 -6.04
C LEU A 81 8.91 12.94 -5.63
N ASP A 82 9.99 13.73 -5.57
CA ASP A 82 9.89 15.14 -5.24
C ASP A 82 9.17 15.91 -6.36
N ASN A 83 9.19 15.36 -7.58
CA ASN A 83 8.53 15.99 -8.72
C ASN A 83 7.13 15.41 -8.93
N VAL A 84 6.59 14.74 -7.91
CA VAL A 84 5.30 14.05 -8.01
C VAL A 84 4.41 14.45 -6.84
N LEU A 85 5.00 14.32 -5.64
CA LEU A 85 4.33 14.35 -4.36
C LEU A 85 4.61 15.69 -3.67
N PRO A 86 3.68 16.17 -2.82
CA PRO A 86 3.92 17.39 -2.06
C PRO A 86 5.05 17.16 -1.07
N GLU A 87 5.53 18.23 -0.45
CA GLU A 87 6.71 18.15 0.41
C GLU A 87 6.34 17.44 1.72
N TRP A 88 5.08 17.56 2.16
CA TRP A 88 4.55 16.82 3.31
C TRP A 88 3.41 15.88 2.89
N VAL A 89 3.40 14.68 3.48
CA VAL A 89 2.64 13.57 2.95
C VAL A 89 2.21 12.68 4.11
N ARG A 90 1.13 11.90 3.91
CA ARG A 90 0.78 10.79 4.76
C ARG A 90 0.96 9.48 3.99
N VAL A 91 1.35 8.42 4.72
CA VAL A 91 1.57 7.09 4.16
C VAL A 91 0.45 6.19 4.66
N GLY A 92 0.14 5.12 3.90
CA GLY A 92 -1.04 4.33 4.21
C GLY A 92 -1.03 2.96 3.53
N LEU A 93 -2.00 2.11 3.95
CA LEU A 93 -2.32 0.84 3.31
C LEU A 93 -3.79 0.89 2.88
N SER A 94 -4.02 0.50 1.62
CA SER A 94 -5.32 0.46 0.99
C SER A 94 -5.52 -0.93 0.40
N ALA A 95 -6.79 -1.32 0.27
CA ALA A 95 -7.18 -2.58 -0.35
C ALA A 95 -8.66 -2.54 -0.66
N SER A 96 -9.14 -3.52 -1.44
CA SER A 96 -10.54 -3.52 -1.83
C SER A 96 -11.00 -4.84 -2.46
N THR A 97 -12.34 -4.89 -2.62
CA THR A 97 -13.11 -5.93 -3.27
C THR A 97 -14.15 -5.30 -4.21
N GLY A 98 -14.56 -6.07 -5.24
CA GLY A 98 -15.75 -5.78 -6.03
C GLY A 98 -16.72 -6.98 -6.04
N LEU A 99 -17.13 -7.44 -7.21
CA LEU A 99 -17.98 -8.63 -7.26
C LEU A 99 -17.13 -9.90 -7.15
N TYR A 100 -15.79 -9.76 -7.16
CA TYR A 100 -14.89 -10.77 -6.63
C TYR A 100 -14.30 -10.23 -5.32
N LYS A 101 -13.72 -11.10 -4.46
CA LYS A 101 -13.34 -10.61 -3.14
C LYS A 101 -12.29 -11.48 -2.44
N GLU A 102 -11.74 -10.94 -1.34
CA GLU A 102 -10.76 -11.66 -0.54
C GLU A 102 -10.69 -11.00 0.84
N THR A 103 -10.03 -11.67 1.80
CA THR A 103 -9.57 -10.98 2.99
C THR A 103 -8.34 -10.13 2.62
N ASN A 104 -8.27 -8.93 3.22
CA ASN A 104 -7.17 -8.01 3.05
C ASN A 104 -6.70 -7.63 4.44
N THR A 105 -5.69 -8.37 4.90
CA THR A 105 -5.42 -8.44 6.32
C THR A 105 -3.95 -8.10 6.59
N ILE A 106 -3.75 -7.00 7.28
CA ILE A 106 -2.42 -6.59 7.66
C ILE A 106 -2.12 -7.14 9.06
N LEU A 107 -1.13 -8.02 9.12
CA LEU A 107 -0.63 -8.54 10.38
C LEU A 107 0.44 -7.61 10.96
N SER A 108 1.14 -6.86 10.11
CA SER A 108 2.15 -5.93 10.58
C SER A 108 2.38 -4.86 9.51
N TRP A 109 2.91 -3.69 9.93
CA TRP A 109 3.22 -2.59 9.03
C TRP A 109 4.34 -1.75 9.65
N SER A 110 5.42 -1.46 8.90
CA SER A 110 6.57 -0.82 9.53
C SER A 110 7.31 0.13 8.59
N PHE A 111 6.92 1.42 8.66
CA PHE A 111 7.51 2.52 7.92
C PHE A 111 8.76 3.06 8.58
N THR A 112 9.65 3.60 7.73
CA THR A 112 10.79 4.39 8.14
C THR A 112 10.98 5.46 7.07
N SER A 113 11.34 6.67 7.51
CA SER A 113 11.64 7.83 6.64
C SER A 113 12.84 8.60 7.21
N LYS A 114 13.77 9.11 6.38
CA LYS A 114 14.91 9.90 6.86
C LYS A 114 15.14 11.08 5.91
N LEU A 115 15.41 12.25 6.47
CA LEU A 115 16.00 13.37 5.74
C LEU A 115 17.36 13.67 6.34
N LYS A 116 18.42 13.65 5.54
CA LYS A 116 19.75 13.95 6.04
C LYS A 116 20.28 15.20 5.33
N SER A 117 20.78 16.18 6.09
CA SER A 117 21.12 17.48 5.52
C SER A 117 22.62 17.78 5.46
N ASN A 118 22.97 18.92 4.84
CA ASN A 118 24.36 19.27 4.55
C ASN A 118 25.13 19.40 5.86
N SER A 119 24.36 19.77 6.89
CA SER A 119 24.86 20.00 8.24
C SER A 119 25.54 18.80 8.89
N THR A 120 26.20 19.06 10.03
CA THR A 120 26.83 18.00 10.80
C THR A 120 25.74 17.33 11.64
N HIS A 121 25.73 15.99 11.66
CA HIS A 121 24.84 15.16 12.47
C HIS A 121 23.39 15.62 12.36
N GLU A 122 22.85 15.61 11.14
CA GLU A 122 21.54 16.23 10.96
C GLU A 122 20.62 15.33 10.13
N THR A 123 20.32 14.17 10.69
CA THR A 123 19.23 13.34 10.22
C THR A 123 17.93 13.86 10.81
N ASN A 124 16.83 13.67 10.08
CA ASN A 124 15.48 13.78 10.60
C ASN A 124 14.74 12.50 10.23
N ALA A 125 13.98 11.92 11.17
CA ALA A 125 13.49 10.56 11.04
C ALA A 125 12.07 10.41 11.59
N LEU A 126 11.36 9.44 11.03
CA LEU A 126 10.17 8.89 11.65
C LEU A 126 10.16 7.41 11.34
N HIS A 127 10.04 6.59 12.38
CA HIS A 127 9.82 5.17 12.24
C HIS A 127 8.43 4.91 12.80
N PHE A 128 7.72 3.89 12.33
CA PHE A 128 6.76 3.22 13.19
C PHE A 128 6.75 1.74 12.83
N MET A 129 6.43 0.92 13.82
CA MET A 129 6.23 -0.50 13.64
C MET A 129 4.99 -0.95 14.43
N PHE A 130 4.02 -1.53 13.73
CA PHE A 130 2.84 -2.15 14.33
C PHE A 130 2.94 -3.66 14.12
N ASN A 131 3.03 -4.45 15.19
CA ASN A 131 2.90 -5.88 15.08
C ASN A 131 1.54 -6.28 15.63
N GLN A 132 0.87 -5.38 16.32
CA GLN A 132 -0.40 -5.72 16.94
C GLN A 132 -1.34 -4.54 16.93
N PHE A 133 -2.48 -4.72 16.28
CA PHE A 133 -3.40 -3.62 16.13
C PHE A 133 -4.42 -3.64 17.27
N SER A 134 -4.62 -2.45 17.84
CA SER A 134 -5.55 -2.24 18.93
C SER A 134 -6.95 -2.07 18.35
N LYS A 135 -8.00 -2.17 19.20
CA LYS A 135 -9.34 -1.73 18.81
C LYS A 135 -9.30 -0.22 18.56
N ASP A 136 -9.07 0.57 19.61
CA ASP A 136 -9.03 2.01 19.45
C ASP A 136 -7.57 2.43 19.23
N GLN A 137 -7.17 2.47 17.95
CA GLN A 137 -5.80 2.74 17.53
C GLN A 137 -5.67 4.21 17.13
N LYS A 138 -5.24 5.04 18.08
CA LYS A 138 -5.31 6.48 17.90
C LYS A 138 -4.19 7.04 17.03
N ASP A 139 -3.20 6.22 16.64
CA ASP A 139 -2.12 6.67 15.77
C ASP A 139 -2.39 6.25 14.31
N LEU A 140 -3.58 5.68 14.06
CA LEU A 140 -4.03 5.33 12.71
C LEU A 140 -5.36 6.03 12.40
N ILE A 141 -5.43 6.63 11.20
CA ILE A 141 -6.65 7.16 10.63
C ILE A 141 -7.30 6.09 9.75
N LEU A 142 -8.27 5.37 10.31
CA LEU A 142 -9.02 4.35 9.59
C LEU A 142 -10.06 5.03 8.72
N GLN A 143 -10.23 4.53 7.49
CA GLN A 143 -11.17 5.11 6.55
C GLN A 143 -11.97 4.03 5.83
N GLY A 144 -13.21 4.41 5.49
CA GLY A 144 -14.15 3.52 4.84
C GLY A 144 -14.52 2.35 5.75
N ASP A 145 -14.06 1.13 5.38
CA ASP A 145 -14.50 -0.11 5.99
C ASP A 145 -13.40 -0.73 6.84
N ALA A 146 -12.28 0.00 7.01
CA ALA A 146 -11.10 -0.54 7.66
C ALA A 146 -11.38 -0.60 9.15
N THR A 147 -11.02 -1.73 9.79
CA THR A 147 -11.16 -1.86 11.24
C THR A 147 -9.92 -2.54 11.81
N THR A 148 -9.74 -2.45 13.13
CA THR A 148 -8.58 -2.99 13.81
C THR A 148 -9.00 -3.95 14.92
N GLY A 149 -8.01 -4.57 15.58
CA GLY A 149 -8.20 -5.33 16.81
C GLY A 149 -8.76 -6.76 16.61
N THR A 150 -9.06 -7.14 15.36
CA THR A 150 -9.75 -8.40 15.12
C THR A 150 -8.66 -9.47 15.00
N ASP A 151 -8.46 -10.23 16.08
CA ASP A 151 -7.26 -11.05 16.26
C ASP A 151 -6.03 -10.13 16.28
N GLY A 152 -6.25 -8.89 16.76
CA GLY A 152 -5.22 -7.88 16.87
C GLY A 152 -4.68 -7.42 15.53
N ASN A 153 -5.54 -7.45 14.50
CA ASN A 153 -5.11 -7.20 13.15
C ASN A 153 -5.85 -6.01 12.55
N LEU A 154 -5.25 -5.49 11.47
CA LEU A 154 -5.88 -4.48 10.63
C LEU A 154 -6.64 -5.15 9.49
N GLU A 155 -7.96 -4.86 9.44
CA GLU A 155 -8.86 -5.37 8.41
C GLU A 155 -9.26 -4.24 7.48
N LEU A 156 -8.52 -4.18 6.36
CA LEU A 156 -8.70 -3.15 5.36
C LEU A 156 -10.08 -3.32 4.76
N THR A 157 -10.42 -4.54 4.31
CA THR A 157 -11.75 -4.81 3.81
C THR A 157 -12.64 -5.45 4.85
N ARG A 158 -13.93 -5.44 4.53
CA ARG A 158 -14.97 -5.97 5.44
C ARG A 158 -14.99 -7.48 5.53
N VAL A 159 -15.20 -7.98 6.73
CA VAL A 159 -15.25 -9.41 7.06
C VAL A 159 -16.46 -9.66 7.95
N SER A 160 -17.05 -10.85 7.89
CA SER A 160 -18.15 -11.16 8.80
C SER A 160 -17.59 -11.95 9.98
N SER A 161 -18.34 -11.95 11.08
CA SER A 161 -17.94 -12.70 12.30
C SER A 161 -17.31 -14.04 11.94
N ASN A 162 -18.08 -14.87 11.25
CA ASN A 162 -17.64 -16.22 10.95
C ASN A 162 -16.21 -16.19 10.40
N GLY A 163 -15.87 -15.16 9.59
CA GLY A 163 -14.48 -14.86 9.24
C GLY A 163 -14.18 -14.84 7.73
N SER A 164 -15.18 -14.50 6.90
CA SER A 164 -15.00 -14.55 5.46
C SER A 164 -15.40 -13.22 4.79
N PRO A 165 -14.74 -12.93 3.64
CA PRO A 165 -14.73 -11.58 3.11
C PRO A 165 -15.96 -11.14 2.33
N GLN A 166 -16.33 -9.87 2.47
CA GLN A 166 -17.47 -9.33 1.75
C GLN A 166 -16.98 -8.58 0.52
N GLY A 167 -17.73 -8.68 -0.59
CA GLY A 167 -17.43 -7.93 -1.79
C GLY A 167 -17.84 -6.47 -1.67
N SER A 168 -17.63 -5.71 -2.76
CA SER A 168 -18.02 -4.31 -2.84
C SER A 168 -17.59 -3.56 -1.59
N SER A 169 -16.32 -3.71 -1.19
CA SER A 169 -15.79 -3.09 0.02
C SER A 169 -14.46 -2.41 -0.28
N VAL A 170 -14.22 -1.26 0.39
CA VAL A 170 -12.97 -0.55 0.30
C VAL A 170 -12.67 0.07 1.67
N GLY A 171 -11.39 0.06 2.07
CA GLY A 171 -10.94 0.63 3.32
C GLY A 171 -9.44 0.94 3.29
N ARG A 172 -9.00 1.92 4.09
CA ARG A 172 -7.59 2.30 4.15
C ARG A 172 -7.21 2.60 5.59
N ALA A 173 -5.90 2.56 5.89
CA ALA A 173 -5.38 2.96 7.19
C ALA A 173 -4.17 3.86 6.97
N LEU A 174 -4.20 5.06 7.56
CA LEU A 174 -3.15 6.06 7.37
C LEU A 174 -2.53 6.40 8.71
N PHE A 175 -1.20 6.48 8.73
CA PHE A 175 -0.50 6.84 9.94
C PHE A 175 -0.78 8.30 10.28
N TYR A 176 -1.13 8.57 11.55
CA TYR A 176 -1.78 9.83 11.93
C TYR A 176 -0.88 11.03 11.63
N ALA A 177 0.43 10.85 11.79
CA ALA A 177 1.40 11.92 11.67
C ALA A 177 1.88 12.03 10.23
N PRO A 178 1.88 13.26 9.67
CA PRO A 178 2.61 13.52 8.43
C PRO A 178 4.09 13.09 8.39
N VAL A 179 4.60 12.91 7.17
CA VAL A 179 5.97 12.50 6.91
C VAL A 179 6.63 13.51 5.99
N HIS A 180 7.74 14.08 6.41
CA HIS A 180 8.48 15.01 5.59
C HIS A 180 9.38 14.16 4.69
N ILE A 181 9.20 14.29 3.36
CA ILE A 181 9.96 13.49 2.40
C ILE A 181 11.03 14.36 1.74
N TRP A 182 10.88 15.68 1.88
CA TRP A 182 11.80 16.63 1.28
C TRP A 182 11.99 17.79 2.29
N GLU A 183 13.16 18.42 2.20
CA GLU A 183 13.57 19.59 2.94
C GLU A 183 14.58 20.34 2.07
N SER A 184 14.60 21.67 2.12
CA SER A 184 15.57 22.44 1.35
C SER A 184 16.99 21.88 1.35
N SER A 185 17.52 21.60 2.54
CA SER A 185 18.92 21.23 2.69
C SER A 185 19.09 19.71 2.64
N ALA A 186 18.10 18.99 2.09
CA ALA A 186 18.21 17.56 1.90
C ALA A 186 19.46 17.26 1.09
N VAL A 187 20.22 16.23 1.47
CA VAL A 187 21.28 15.72 0.59
C VAL A 187 21.03 14.26 0.20
N VAL A 188 20.44 13.47 1.12
CA VAL A 188 19.75 12.24 0.76
C VAL A 188 18.48 12.17 1.59
N ALA A 189 17.37 11.81 0.94
CA ALA A 189 16.16 11.46 1.63
C ALA A 189 15.90 9.99 1.29
N SER A 190 15.21 9.26 2.18
CA SER A 190 14.93 7.85 1.96
C SER A 190 13.59 7.49 2.61
N PHE A 191 13.04 6.34 2.24
CA PHE A 191 11.99 5.72 3.01
C PHE A 191 11.94 4.25 2.66
N GLU A 192 11.58 3.41 3.64
CA GLU A 192 11.20 2.02 3.41
C GLU A 192 9.90 1.73 4.17
N ALA A 193 9.08 0.85 3.59
CA ALA A 193 7.85 0.33 4.20
C ALA A 193 7.89 -1.18 4.11
N THR A 194 7.55 -1.86 5.21
CA THR A 194 7.34 -3.29 5.17
C THR A 194 5.94 -3.57 5.73
N PHE A 195 5.28 -4.60 5.25
CA PHE A 195 4.02 -5.01 5.84
C PHE A 195 3.75 -6.45 5.43
N THR A 196 3.09 -7.19 6.33
CA THR A 196 2.70 -8.57 6.08
C THR A 196 1.18 -8.63 6.02
N PHE A 197 0.68 -9.64 5.30
CA PHE A 197 -0.74 -9.72 4.98
C PHE A 197 -1.15 -11.17 4.74
N LEU A 198 -2.46 -11.36 4.83
CA LEU A 198 -3.10 -12.63 4.60
C LEU A 198 -4.33 -12.36 3.74
N ILE A 199 -4.08 -12.40 2.43
CA ILE A 199 -5.12 -12.43 1.43
C ILE A 199 -5.59 -13.87 1.32
N LYS A 200 -6.90 -14.04 1.40
CA LYS A 200 -7.54 -15.34 1.48
C LYS A 200 -8.94 -15.18 0.94
N SER A 201 -9.41 -16.24 0.26
CA SER A 201 -10.70 -16.21 -0.39
C SER A 201 -11.26 -17.62 -0.52
N PRO A 202 -12.60 -17.79 -0.50
CA PRO A 202 -13.25 -19.02 -0.95
C PRO A 202 -13.31 -19.30 -2.45
N ASP A 203 -12.65 -18.49 -3.28
CA ASP A 203 -12.78 -18.58 -4.73
C ASP A 203 -11.41 -18.75 -5.42
N SER A 204 -11.45 -19.32 -6.64
CA SER A 204 -10.27 -19.49 -7.48
C SER A 204 -9.77 -18.15 -7.99
N HIS A 205 -10.70 -17.18 -8.03
CA HIS A 205 -10.44 -15.83 -8.49
C HIS A 205 -10.70 -14.86 -7.33
N PRO A 206 -9.64 -14.41 -6.64
CA PRO A 206 -9.83 -13.43 -5.59
C PRO A 206 -9.58 -12.04 -6.19
N ALA A 207 -10.23 -11.01 -5.65
CA ALA A 207 -9.97 -9.63 -6.01
C ALA A 207 -10.08 -8.75 -4.76
N ASP A 208 -9.50 -7.54 -4.76
CA ASP A 208 -8.86 -6.91 -5.91
C ASP A 208 -7.38 -6.64 -5.68
N GLY A 209 -7.00 -6.41 -4.42
CA GLY A 209 -5.60 -6.30 -4.05
C GLY A 209 -5.38 -5.40 -2.84
N ILE A 210 -4.10 -5.22 -2.49
CA ILE A 210 -3.64 -4.33 -1.44
C ILE A 210 -2.60 -3.41 -2.05
N ALA A 211 -2.68 -2.11 -1.77
CA ALA A 211 -1.62 -1.16 -2.09
C ALA A 211 -1.07 -0.56 -0.80
N PHE A 212 0.26 -0.34 -0.74
CA PHE A 212 0.86 0.63 0.18
C PHE A 212 0.95 1.97 -0.54
N PHE A 213 0.42 3.05 0.04
CA PHE A 213 0.34 4.26 -0.74
C PHE A 213 0.92 5.43 0.04
N ILE A 214 1.35 6.42 -0.74
CA ILE A 214 1.84 7.68 -0.21
C ILE A 214 1.05 8.77 -0.90
N SER A 215 0.46 9.68 -0.10
CA SER A 215 -0.52 10.61 -0.62
C SER A 215 -0.38 11.97 0.05
N ASN A 216 -1.14 12.93 -0.48
CA ASN A 216 -1.26 14.18 0.25
C ASN A 216 -1.94 13.87 1.57
N ILE A 217 -1.82 14.81 2.51
CA ILE A 217 -2.10 14.52 3.91
C ILE A 217 -3.59 14.57 4.14
N ASP A 218 -4.33 15.19 3.22
CA ASP A 218 -5.77 15.30 3.36
C ASP A 218 -6.43 14.20 2.51
N SER A 219 -5.64 13.22 2.06
CA SER A 219 -6.12 12.22 1.13
C SER A 219 -7.29 11.44 1.74
N SER A 220 -8.30 11.13 0.92
CA SER A 220 -9.41 10.29 1.36
C SER A 220 -9.86 9.37 0.22
N ILE A 221 -10.69 8.37 0.56
CA ILE A 221 -11.21 7.37 -0.37
C ILE A 221 -12.11 8.07 -1.39
N PRO A 222 -11.71 8.08 -2.69
CA PRO A 222 -12.54 8.63 -3.77
C PRO A 222 -13.74 7.75 -4.11
N SER A 223 -14.84 8.34 -4.58
CA SER A 223 -16.07 7.60 -4.82
C SER A 223 -15.84 6.54 -5.88
N GLY A 224 -16.55 5.41 -5.68
CA GLY A 224 -16.46 4.21 -6.51
C GLY A 224 -15.05 3.65 -6.65
N SER A 225 -14.19 3.83 -5.63
CA SER A 225 -12.85 3.27 -5.68
C SER A 225 -12.86 1.90 -5.02
N THR A 226 -14.01 1.24 -5.05
CA THR A 226 -14.10 -0.18 -4.78
C THR A 226 -13.61 -0.96 -5.99
N GLY A 227 -13.30 -2.24 -5.76
CA GLY A 227 -12.89 -3.12 -6.84
C GLY A 227 -11.55 -2.73 -7.43
N ARG A 228 -11.53 -2.45 -8.75
CA ARG A 228 -10.29 -2.49 -9.53
C ARG A 228 -9.43 -1.26 -9.24
N LEU A 229 -10.06 -0.23 -8.65
CA LEU A 229 -9.38 1.05 -8.37
C LEU A 229 -8.70 1.05 -6.99
N LEU A 230 -8.89 -0.03 -6.20
CA LEU A 230 -8.07 -0.34 -5.04
C LEU A 230 -8.17 0.69 -3.92
N GLY A 231 -9.16 1.58 -4.00
CA GLY A 231 -9.37 2.61 -3.00
C GLY A 231 -8.45 3.81 -3.19
N LEU A 232 -7.73 3.87 -4.33
CA LEU A 232 -6.65 4.83 -4.55
C LEU A 232 -7.09 5.94 -5.51
N PHE A 233 -7.67 5.52 -6.63
CA PHE A 233 -8.05 6.40 -7.73
C PHE A 233 -9.58 6.47 -7.84
N PRO A 234 -10.14 7.61 -8.34
CA PRO A 234 -11.57 7.71 -8.64
C PRO A 234 -11.97 7.12 -9.99
N ASP A 235 -11.02 7.09 -10.94
CA ASP A 235 -11.22 6.49 -12.25
C ASP A 235 -9.96 5.71 -12.64
N ALA A 236 -9.89 5.25 -13.91
CA ALA A 236 -8.84 4.35 -14.38
C ALA A 236 -7.88 5.02 -15.38
N ASN A 237 -7.89 6.36 -15.40
CA ASN A 237 -7.03 7.08 -16.32
C ASN A 237 -5.58 6.92 -15.84
N1 URF B . 11.51 12.95 9.07
C2 URF B . 10.60 12.30 8.30
N3 URF B . 9.32 12.28 8.84
C4 URF B . 8.90 12.83 10.05
C5 URF B . 9.98 13.49 10.77
C6 URF B . 11.22 13.54 10.27
O2 URF B . 10.86 11.79 7.22
O4 URF B . 7.73 12.73 10.43
F5 URF B . 9.69 14.05 11.96
CA CA C . -6.93 -5.17 -10.80
MN MN D . -2.02 -3.38 -12.28
S SO4 E . -13.84 12.05 -4.69
O1 SO4 E . -14.59 13.11 -4.04
O2 SO4 E . -12.64 11.78 -3.96
O3 SO4 E . -14.64 10.87 -4.75
O4 SO4 E . -13.47 12.45 -6.05
#